data_7JTW
#
_entry.id   7JTW
#
_cell.length_a   61.991
_cell.length_b   61.991
_cell.length_c   156.838
_cell.angle_alpha   90.000
_cell.angle_beta   90.000
_cell.angle_gamma   90.000
#
_symmetry.space_group_name_H-M   'P 41 21 2'
#
loop_
_entity.id
_entity.type
_entity.pdbx_description
1 polymer 'RAR-related orphan receptor C isoform a variant'
2 non-polymer '(4R)-6-[(2,5-dichloro-3-{[(2R,4R)-1-(cyclopentanecarbonyl)-2-methylpiperidin-4-yl]oxy}phenyl)amino]-6-oxo-4-phenylhexanoic acid'
3 non-polymer GLYCEROL
4 non-polymer 'SULFATE ION'
5 water water
#
_entity_poly.entity_id   1
_entity_poly.type   'polypeptide(L)'
_entity_poly.pdbx_seq_one_letter_code
;GSHMTPEAPYASLTEIEHLVQSVCKSYRETCQLRLEDLLRQRSNIFSREEVTGYQRKSMWEMWERCAHHLTEAIQYVVEF
AKRLSGFMELCQNDQIVLLKAGAMEVVLVRMCRAYNADNRTVFFEGKYGGMELFRALGCSELISSIFDFSHSLSALHFSE
DEIALYTALVLINAHRPGLQEKRKVEQLQYNLELAFHHHLCKTHRQSILAKLPPKGKLRSLCSQHVERMQIFQHLHPIVV
QAAFPPLYKELFSTGGSGDHKIIHRLLQEG
;
_entity_poly.pdbx_strand_id   A
#
# COMPACT_ATOMS: atom_id res chain seq x y z
N ALA A 11 3.29 -28.19 2.81
CA ALA A 11 2.54 -28.41 1.58
C ALA A 11 3.39 -29.17 0.55
N SER A 12 2.72 -29.86 -0.37
CA SER A 12 3.34 -30.51 -1.52
C SER A 12 3.48 -29.51 -2.66
N LEU A 13 3.87 -29.98 -3.85
CA LEU A 13 4.06 -29.05 -4.95
C LEU A 13 2.74 -28.61 -5.56
N THR A 14 1.76 -29.53 -5.68
CA THR A 14 0.45 -29.15 -6.18
C THR A 14 -0.17 -28.09 -5.28
N GLU A 15 0.04 -28.20 -3.97
CA GLU A 15 -0.57 -27.26 -3.04
C GLU A 15 0.07 -25.87 -3.16
N ILE A 16 1.39 -25.82 -3.36
CA ILE A 16 2.08 -24.56 -3.60
C ILE A 16 1.55 -23.88 -4.84
N GLU A 17 1.45 -24.62 -5.94
CA GLU A 17 0.93 -23.98 -7.15
C GLU A 17 -0.52 -23.59 -6.98
N HIS A 18 -1.30 -24.34 -6.20
CA HIS A 18 -2.66 -23.92 -5.93
C HIS A 18 -2.68 -22.61 -5.15
N LEU A 19 -1.74 -22.46 -4.21
CA LEU A 19 -1.68 -21.22 -3.43
C LEU A 19 -1.27 -20.04 -4.31
N VAL A 20 -0.36 -20.26 -5.26
CA VAL A 20 0.02 -19.19 -6.20
C VAL A 20 -1.22 -18.65 -6.90
N GLN A 21 -2.04 -19.54 -7.48
CA GLN A 21 -3.16 -18.99 -8.23
C GLN A 21 -4.23 -18.40 -7.30
N SER A 22 -4.37 -18.96 -6.10
CA SER A 22 -5.29 -18.38 -5.11
C SER A 22 -4.91 -16.95 -4.76
N VAL A 23 -3.62 -16.71 -4.51
CA VAL A 23 -3.15 -15.36 -4.17
C VAL A 23 -3.32 -14.41 -5.34
N CYS A 24 -2.93 -14.85 -6.54
CA CYS A 24 -3.05 -13.98 -7.72
C CYS A 24 -4.52 -13.61 -7.97
N LYS A 25 -5.43 -14.55 -7.76
CA LYS A 25 -6.87 -14.23 -7.86
C LYS A 25 -7.31 -13.21 -6.81
N SER A 26 -6.94 -13.43 -5.54
CA SER A 26 -7.35 -12.50 -4.49
C SER A 26 -6.90 -11.07 -4.80
N TYR A 27 -5.69 -10.93 -5.33
CA TYR A 27 -5.17 -9.63 -5.74
C TYR A 27 -5.97 -9.07 -6.90
N ARG A 28 -6.14 -9.87 -7.95
CA ARG A 28 -6.89 -9.43 -9.12
C ARG A 28 -8.25 -8.89 -8.73
N GLU A 29 -8.92 -9.54 -7.78
CA GLU A 29 -10.26 -9.14 -7.37
C GLU A 29 -10.29 -7.89 -6.50
N THR A 30 -9.13 -7.39 -6.05
CA THR A 30 -9.08 -6.32 -5.05
C THR A 30 -8.07 -5.23 -5.42
N CYS A 31 -7.71 -5.06 -6.69
CA CYS A 31 -6.55 -4.24 -7.00
C CYS A 31 -6.87 -2.74 -7.15
N GLN A 32 -8.16 -2.36 -7.02
CA GLN A 32 -8.65 -0.98 -6.94
C GLN A 32 -8.69 -0.28 -8.30
N LEU A 33 -7.53 -0.09 -8.93
CA LEU A 33 -7.42 0.46 -10.28
C LEU A 33 -6.88 -0.63 -11.19
N ARG A 34 -7.49 -0.82 -12.35
CA ARG A 34 -6.97 -1.79 -13.30
C ARG A 34 -5.71 -1.26 -13.98
N LEU A 35 -4.71 -2.13 -14.13
CA LEU A 35 -3.45 -1.68 -14.70
C LEU A 35 -3.64 -1.11 -16.11
N GLU A 36 -4.47 -1.78 -16.92
CA GLU A 36 -4.65 -1.32 -18.29
C GLU A 36 -5.23 0.09 -18.29
N ASP A 37 -6.17 0.37 -17.38
CA ASP A 37 -6.72 1.72 -17.27
C ASP A 37 -5.64 2.74 -16.93
N LEU A 38 -4.75 2.39 -16.00
CA LEU A 38 -3.65 3.30 -15.64
C LEU A 38 -2.72 3.51 -16.82
N LEU A 39 -2.43 2.44 -17.57
CA LEU A 39 -1.50 2.58 -18.70
C LEU A 39 -2.12 3.36 -19.84
N ARG A 40 -3.42 3.14 -20.14
CA ARG A 40 -4.06 3.91 -21.21
C ARG A 40 -4.12 5.41 -20.96
N GLN A 41 -3.94 5.87 -19.72
CA GLN A 41 -4.05 7.29 -19.39
C GLN A 41 -2.72 8.01 -19.37
N ARG A 42 -1.62 7.34 -19.69
CA ARG A 42 -0.31 7.93 -19.47
C ARG A 42 -0.08 9.18 -20.30
N SER A 43 -0.76 9.33 -21.44
CA SER A 43 -0.60 10.56 -22.21
C SER A 43 -1.45 11.70 -21.71
N ASN A 44 -2.35 11.46 -20.76
CA ASN A 44 -3.26 12.45 -20.22
C ASN A 44 -2.56 13.12 -19.03
N ILE A 45 -1.92 14.26 -19.28
CA ILE A 45 -0.98 14.85 -18.32
C ILE A 45 -1.48 16.25 -17.95
N PHE A 46 -1.49 16.54 -16.65
CA PHE A 46 -1.96 17.83 -16.18
C PHE A 46 -1.23 18.96 -16.88
N SER A 47 -1.97 20.03 -17.17
CA SER A 47 -1.33 21.21 -17.71
C SER A 47 -0.60 22.01 -16.62
N ARG A 48 0.45 22.77 -17.01
CA ARG A 48 0.94 23.93 -16.25
C ARG A 48 -0.10 24.56 -15.35
N GLU A 49 -1.22 24.89 -15.96
CA GLU A 49 -2.23 25.69 -15.29
C GLU A 49 -2.91 24.84 -14.23
N GLU A 50 -3.14 23.57 -14.54
CA GLU A 50 -3.72 22.66 -13.57
C GLU A 50 -2.74 22.39 -12.44
N VAL A 51 -1.44 22.22 -12.77
CA VAL A 51 -0.44 22.02 -11.71
C VAL A 51 -0.42 23.22 -10.77
N THR A 52 -0.30 24.42 -11.34
CA THR A 52 -0.39 25.64 -10.53
C THR A 52 -1.65 25.64 -9.66
N GLY A 53 -2.78 25.21 -10.21
CA GLY A 53 -3.99 25.15 -9.42
C GLY A 53 -3.86 24.23 -8.21
N TYR A 54 -3.22 23.08 -8.37
CA TYR A 54 -2.97 22.22 -7.22
C TYR A 54 -2.03 22.86 -6.23
N GLN A 55 -1.00 23.56 -6.73
CA GLN A 55 0.00 24.13 -5.84
C GLN A 55 -0.59 25.27 -5.00
N ARG A 56 -1.66 25.91 -5.49
CA ARG A 56 -2.35 26.98 -4.80
C ARG A 56 -3.40 26.52 -3.79
N LYS A 57 -3.80 25.25 -3.82
CA LYS A 57 -4.74 24.77 -2.82
C LYS A 57 -4.10 24.85 -1.43
N SER A 58 -4.94 24.93 -0.41
CA SER A 58 -4.41 25.02 0.95
C SER A 58 -3.77 23.69 1.35
N MET A 59 -2.81 23.77 2.29
CA MET A 59 -2.26 22.57 2.91
C MET A 59 -3.35 21.62 3.36
N TRP A 60 -4.34 22.15 4.09
CA TRP A 60 -5.29 21.24 4.71
C TRP A 60 -6.21 20.61 3.67
N GLU A 61 -6.57 21.33 2.62
CA GLU A 61 -7.38 20.67 1.61
C GLU A 61 -6.60 19.58 0.87
N MET A 62 -5.32 19.81 0.58
CA MET A 62 -4.58 18.72 -0.06
C MET A 62 -4.38 17.52 0.86
N TRP A 63 -4.10 17.75 2.15
CA TRP A 63 -4.04 16.63 3.08
C TRP A 63 -5.36 15.86 3.13
N GLU A 64 -6.47 16.59 3.13
CA GLU A 64 -7.77 15.95 3.16
C GLU A 64 -7.99 15.06 1.94
N ARG A 65 -7.66 15.58 0.75
CA ARG A 65 -7.78 14.76 -0.45
C ARG A 65 -6.88 13.52 -0.40
N CYS A 66 -5.62 13.70 0.02
CA CYS A 66 -4.72 12.55 0.09
C CYS A 66 -5.21 11.50 1.09
N ALA A 67 -5.68 11.93 2.25
CA ALA A 67 -6.20 10.99 3.25
C ALA A 67 -7.42 10.22 2.73
N HIS A 68 -8.31 10.91 2.00
CA HIS A 68 -9.43 10.25 1.33
C HIS A 68 -8.94 9.14 0.39
N HIS A 69 -7.94 9.46 -0.44
CA HIS A 69 -7.47 8.46 -1.40
C HIS A 69 -6.77 7.30 -0.71
N LEU A 70 -5.95 7.58 0.31
CA LEU A 70 -5.28 6.49 1.02
C LEU A 70 -6.28 5.61 1.76
N THR A 71 -7.33 6.19 2.33
CA THR A 71 -8.34 5.40 3.00
C THR A 71 -9.03 4.44 2.04
N GLU A 72 -9.40 4.92 0.86
CA GLU A 72 -9.99 4.02 -0.14
C GLU A 72 -9.02 2.89 -0.50
N ALA A 73 -7.75 3.23 -0.71
CA ALA A 73 -6.76 2.19 -1.02
C ALA A 73 -6.64 1.20 0.13
N ILE A 74 -6.60 1.69 1.37
CA ILE A 74 -6.50 0.79 2.51
C ILE A 74 -7.72 -0.14 2.56
N GLN A 75 -8.90 0.37 2.21
CA GLN A 75 -10.11 -0.46 2.21
C GLN A 75 -9.98 -1.63 1.25
N TYR A 76 -9.37 -1.41 0.09
CA TYR A 76 -9.15 -2.53 -0.83
C TYR A 76 -8.09 -3.50 -0.29
N VAL A 77 -7.09 -2.99 0.46
CA VAL A 77 -6.11 -3.88 1.05
C VAL A 77 -6.74 -4.77 2.12
N VAL A 78 -7.69 -4.22 2.89
CA VAL A 78 -8.43 -5.03 3.85
C VAL A 78 -9.18 -6.15 3.13
N GLU A 79 -9.83 -5.83 1.99
CA GLU A 79 -10.53 -6.84 1.23
C GLU A 79 -9.58 -7.89 0.66
N PHE A 80 -8.41 -7.46 0.16
CA PHE A 80 -7.38 -8.40 -0.28
C PHE A 80 -7.06 -9.39 0.83
N ALA A 81 -6.85 -8.87 2.04
CA ALA A 81 -6.49 -9.71 3.18
C ALA A 81 -7.62 -10.68 3.52
N LYS A 82 -8.86 -10.18 3.57
CA LYS A 82 -10.00 -11.06 3.82
C LYS A 82 -10.11 -12.19 2.79
N ARG A 83 -9.68 -11.97 1.55
CA ARG A 83 -9.72 -13.04 0.56
C ARG A 83 -8.45 -13.85 0.49
N LEU A 84 -7.45 -13.49 1.26
CA LEU A 84 -6.15 -14.14 1.15
C LEU A 84 -6.16 -15.45 1.93
N SER A 85 -5.84 -16.54 1.24
CA SER A 85 -5.79 -17.87 1.83
C SER A 85 -5.10 -17.86 3.18
N GLY A 86 -5.80 -18.33 4.23
CA GLY A 86 -5.20 -18.45 5.55
C GLY A 86 -5.33 -17.25 6.46
N PHE A 87 -5.65 -16.07 5.94
CA PHE A 87 -5.67 -14.87 6.78
C PHE A 87 -6.85 -14.89 7.74
N MET A 88 -8.06 -15.24 7.27
CA MET A 88 -9.22 -15.22 8.16
C MET A 88 -9.23 -16.36 9.17
N GLU A 89 -8.36 -17.34 9.02
CA GLU A 89 -8.13 -18.38 10.03
C GLU A 89 -7.19 -17.97 11.14
N LEU A 90 -6.48 -16.85 10.98
CA LEU A 90 -5.76 -16.26 12.11
C LEU A 90 -6.77 -15.69 13.08
N CYS A 91 -6.38 -15.59 14.36
CA CYS A 91 -7.29 -15.01 15.34
C CYS A 91 -7.46 -13.52 15.04
N GLN A 92 -8.53 -12.93 15.56
CA GLN A 92 -8.83 -11.57 15.16
C GLN A 92 -7.80 -10.57 15.67
N ASN A 93 -7.21 -10.80 16.84
CA ASN A 93 -6.12 -9.95 17.31
C ASN A 93 -5.02 -9.84 16.26
N ASP A 94 -4.60 -11.00 15.71
CA ASP A 94 -3.46 -11.03 14.79
C ASP A 94 -3.83 -10.48 13.42
N GLN A 95 -5.07 -10.70 12.97
CA GLN A 95 -5.57 -10.03 11.77
C GLN A 95 -5.38 -8.51 11.85
N ILE A 96 -5.77 -7.91 12.97
CA ILE A 96 -5.70 -6.46 13.14
C ILE A 96 -4.25 -6.01 13.34
N VAL A 97 -3.45 -6.77 14.09
CA VAL A 97 -2.02 -6.42 14.18
C VAL A 97 -1.39 -6.37 12.78
N LEU A 98 -1.68 -7.37 11.95
CA LEU A 98 -1.04 -7.44 10.63
C LEU A 98 -1.50 -6.29 9.76
N LEU A 99 -2.81 -5.98 9.78
CA LEU A 99 -3.32 -4.88 8.96
C LEU A 99 -2.85 -3.52 9.46
N LYS A 100 -2.80 -3.34 10.79
CA LYS A 100 -2.29 -2.06 11.28
C LYS A 100 -0.85 -1.83 10.86
N ALA A 101 -0.02 -2.86 10.92
CA ALA A 101 1.38 -2.70 10.57
C ALA A 101 1.60 -2.72 9.07
N GLY A 102 0.76 -3.43 8.32
CA GLY A 102 1.07 -3.72 6.93
C GLY A 102 0.24 -3.05 5.86
N ALA A 103 -0.94 -2.51 6.20
CA ALA A 103 -1.84 -2.05 5.13
C ALA A 103 -1.23 -0.89 4.31
N MET A 104 -0.67 0.11 4.99
CA MET A 104 0.01 1.20 4.29
C MET A 104 1.23 0.76 3.50
N GLU A 105 2.00 -0.19 4.02
CA GLU A 105 3.09 -0.77 3.23
C GLU A 105 2.57 -1.39 1.95
N VAL A 106 1.47 -2.16 2.03
CA VAL A 106 0.90 -2.75 0.82
C VAL A 106 0.43 -1.65 -0.14
N VAL A 107 -0.19 -0.60 0.40
CA VAL A 107 -0.63 0.51 -0.47
C VAL A 107 0.56 1.11 -1.21
N LEU A 108 1.66 1.33 -0.49
CA LEU A 108 2.84 1.96 -1.07
C LEU A 108 3.43 1.12 -2.20
N VAL A 109 3.43 -0.20 -2.06
CA VAL A 109 3.86 -1.07 -3.16
C VAL A 109 2.88 -0.99 -4.31
N ARG A 110 1.58 -1.13 -4.03
CA ARG A 110 0.59 -1.09 -5.12
C ARG A 110 0.70 0.22 -5.92
N MET A 111 1.19 1.28 -5.28
CA MET A 111 1.21 2.61 -5.88
C MET A 111 2.16 2.66 -7.09
N CYS A 112 3.18 1.79 -7.14
CA CYS A 112 4.11 1.85 -8.28
C CYS A 112 3.39 1.53 -9.61
N ARG A 113 2.22 0.91 -9.56
CA ARG A 113 1.48 0.64 -10.80
C ARG A 113 0.99 1.92 -11.45
N ALA A 114 0.76 2.97 -10.65
CA ALA A 114 0.27 4.26 -11.11
C ALA A 114 1.41 5.25 -11.35
N TYR A 115 2.65 4.78 -11.31
CA TYR A 115 3.84 5.60 -11.51
C TYR A 115 4.42 5.32 -12.89
N ASN A 116 4.66 6.39 -13.66
CA ASN A 116 5.24 6.30 -15.01
C ASN A 116 6.72 6.66 -14.90
N ALA A 117 7.59 5.65 -14.98
CA ALA A 117 9.02 5.89 -14.84
C ALA A 117 9.61 6.71 -16.00
N ASP A 118 8.91 6.76 -17.13
CA ASP A 118 9.47 7.43 -18.30
C ASP A 118 9.48 8.95 -18.15
N ASN A 119 8.48 9.53 -17.48
CA ASN A 119 8.48 10.98 -17.23
C ASN A 119 8.37 11.32 -15.75
N ARG A 120 8.46 10.32 -14.86
CA ARG A 120 8.35 10.49 -13.40
C ARG A 120 7.05 11.19 -13.00
N THR A 121 5.93 10.69 -13.50
CA THR A 121 4.62 11.21 -13.15
C THR A 121 3.79 10.11 -12.50
N VAL A 122 2.73 10.54 -11.81
CA VAL A 122 1.84 9.59 -11.16
C VAL A 122 0.42 9.97 -11.52
N PHE A 123 -0.47 8.97 -11.54
CA PHE A 123 -1.89 9.21 -11.80
C PHE A 123 -2.54 9.73 -10.53
N PHE A 124 -3.28 10.82 -10.66
CA PHE A 124 -3.89 11.44 -9.48
C PHE A 124 -5.11 12.23 -9.97
N GLU A 125 -6.31 11.78 -9.59
CA GLU A 125 -7.53 12.56 -9.83
C GLU A 125 -7.67 12.90 -11.32
N GLY A 126 -7.41 11.91 -12.17
CA GLY A 126 -7.81 11.95 -13.56
C GLY A 126 -6.70 12.09 -14.57
N LYS A 127 -5.53 12.60 -14.17
CA LYS A 127 -4.43 12.80 -15.10
C LYS A 127 -3.14 12.43 -14.39
N TYR A 128 -2.05 12.43 -15.14
CA TYR A 128 -0.71 12.23 -14.58
C TYR A 128 -0.05 13.58 -14.30
N GLY A 129 0.66 13.66 -13.16
CA GLY A 129 1.50 14.81 -12.91
C GLY A 129 2.74 14.41 -12.12
N GLY A 130 3.74 15.30 -12.12
CA GLY A 130 4.97 15.06 -11.41
C GLY A 130 4.83 15.42 -9.95
N MET A 131 5.92 15.23 -9.19
CA MET A 131 5.77 15.44 -7.76
C MET A 131 5.51 16.89 -7.38
N GLU A 132 5.74 17.83 -8.30
CA GLU A 132 5.41 19.22 -8.00
C GLU A 132 3.91 19.45 -7.81
N LEU A 133 3.06 18.51 -8.26
CA LEU A 133 1.63 18.60 -7.95
C LEU A 133 1.35 18.74 -6.46
N PHE A 134 2.21 18.16 -5.61
CA PHE A 134 1.93 18.01 -4.19
C PHE A 134 2.65 19.02 -3.30
N ARG A 135 3.19 20.10 -3.87
CA ARG A 135 3.98 21.05 -3.09
C ARG A 135 3.20 21.65 -1.92
N ALA A 136 1.88 21.77 -2.05
CA ALA A 136 1.11 22.42 -0.99
C ALA A 136 1.11 21.61 0.29
N LEU A 137 1.40 20.30 0.21
CA LEU A 137 1.37 19.47 1.41
C LEU A 137 2.43 19.88 2.42
N GLY A 138 3.52 20.52 1.99
CA GLY A 138 4.60 20.81 2.91
C GLY A 138 5.23 19.56 3.50
N CYS A 139 5.45 18.56 2.66
CA CYS A 139 6.20 17.37 3.08
C CYS A 139 6.99 16.81 1.88
N SER A 140 7.79 17.68 1.27
CA SER A 140 8.46 17.35 0.02
C SER A 140 9.48 16.25 0.20
N GLU A 141 10.11 16.18 1.36
CA GLU A 141 11.10 15.15 1.56
C GLU A 141 10.43 13.79 1.53
N LEU A 142 9.28 13.63 2.18
CA LEU A 142 8.54 12.37 2.10
C LEU A 142 8.06 12.08 0.68
N ILE A 143 7.51 13.07 -0.01
CA ILE A 143 7.03 12.85 -1.39
C ILE A 143 8.16 12.37 -2.29
N SER A 144 9.33 13.03 -2.21
CA SER A 144 10.49 12.59 -2.99
C SER A 144 10.87 11.15 -2.69
N SER A 145 10.85 10.76 -1.42
CA SER A 145 11.16 9.38 -1.06
C SER A 145 10.18 8.41 -1.68
N ILE A 146 8.88 8.75 -1.65
CA ILE A 146 7.87 7.88 -2.23
C ILE A 146 8.09 7.74 -3.73
N PHE A 147 8.38 8.85 -4.40
CA PHE A 147 8.63 8.79 -5.84
C PHE A 147 9.87 7.96 -6.15
N ASP A 148 10.91 8.12 -5.33
CA ASP A 148 12.14 7.35 -5.52
C ASP A 148 11.90 5.86 -5.30
N PHE A 149 11.18 5.51 -4.22
CA PHE A 149 10.83 4.12 -3.99
C PHE A 149 10.08 3.54 -5.18
N SER A 150 9.08 4.27 -5.68
CA SER A 150 8.30 3.80 -6.82
C SER A 150 9.17 3.66 -8.07
N HIS A 151 10.12 4.57 -8.24
CA HIS A 151 11.01 4.50 -9.39
C HIS A 151 11.85 3.23 -9.32
N SER A 152 12.36 2.90 -8.15
CA SER A 152 13.13 1.66 -7.96
C SER A 152 12.28 0.43 -8.26
N LEU A 153 11.04 0.39 -7.74
CA LEU A 153 10.17 -0.76 -8.03
C LEU A 153 9.86 -0.85 -9.53
N SER A 154 9.63 0.30 -10.18
N SER A 154 9.64 0.29 -10.18
CA SER A 154 9.32 0.27 -11.61
CA SER A 154 9.31 0.26 -11.61
C SER A 154 10.46 -0.34 -12.41
C SER A 154 10.46 -0.34 -12.41
N ALA A 155 11.70 -0.16 -11.96
CA ALA A 155 12.84 -0.73 -12.66
C ALA A 155 12.87 -2.25 -12.64
N LEU A 156 12.13 -2.90 -11.73
CA LEU A 156 12.07 -4.35 -11.68
C LEU A 156 11.04 -4.93 -12.66
N HIS A 157 10.13 -4.10 -13.18
CA HIS A 157 9.11 -4.51 -14.15
C HIS A 157 8.22 -5.64 -13.63
N PHE A 158 7.65 -5.43 -12.44
CA PHE A 158 6.78 -6.42 -11.83
C PHE A 158 5.61 -6.79 -12.75
N SER A 159 5.34 -8.08 -12.85
CA SER A 159 4.03 -8.50 -13.34
C SER A 159 2.98 -8.29 -12.25
N GLU A 160 1.71 -8.29 -12.67
CA GLU A 160 0.63 -8.24 -11.68
C GLU A 160 0.71 -9.43 -10.73
N ASP A 161 1.01 -10.63 -11.25
CA ASP A 161 1.14 -11.80 -10.40
C ASP A 161 2.26 -11.62 -9.37
N GLU A 162 3.38 -11.02 -9.79
CA GLU A 162 4.48 -10.81 -8.84
C GLU A 162 4.07 -9.82 -7.75
N ILE A 163 3.33 -8.78 -8.11
CA ILE A 163 2.82 -7.82 -7.12
C ILE A 163 1.87 -8.52 -6.14
N ALA A 164 1.00 -9.38 -6.66
CA ALA A 164 0.12 -10.20 -5.81
C ALA A 164 0.92 -10.97 -4.75
N LEU A 165 1.90 -11.73 -5.20
CA LEU A 165 2.63 -12.59 -4.29
C LEU A 165 3.51 -11.79 -3.34
N TYR A 166 4.13 -10.72 -3.86
CA TYR A 166 4.99 -9.90 -3.02
C TYR A 166 4.17 -9.15 -1.97
N THR A 167 3.02 -8.56 -2.36
CA THR A 167 2.25 -7.84 -1.35
C THR A 167 1.65 -8.79 -0.31
N ALA A 168 1.36 -10.04 -0.69
CA ALA A 168 0.87 -10.98 0.31
C ALA A 168 1.90 -11.16 1.42
N LEU A 169 3.18 -11.20 1.05
CA LEU A 169 4.25 -11.36 2.01
C LEU A 169 4.49 -10.07 2.79
N VAL A 170 4.30 -8.92 2.16
CA VAL A 170 4.37 -7.66 2.91
C VAL A 170 3.38 -7.70 4.06
N LEU A 171 2.17 -8.20 3.80
CA LEU A 171 1.16 -8.26 4.83
C LEU A 171 1.41 -9.37 5.85
N ILE A 172 1.74 -10.57 5.39
CA ILE A 172 1.84 -11.74 6.30
C ILE A 172 3.28 -11.79 6.78
N ASN A 173 3.58 -10.96 7.77
CA ASN A 173 4.91 -10.80 8.35
C ASN A 173 4.85 -11.32 9.78
N ALA A 174 5.50 -12.46 10.03
CA ALA A 174 5.39 -13.03 11.37
C ALA A 174 6.28 -12.33 12.40
N HIS A 175 7.05 -11.33 12.01
CA HIS A 175 7.82 -10.57 12.99
C HIS A 175 7.08 -9.36 13.56
N ARG A 176 5.86 -9.05 13.13
CA ARG A 176 5.17 -7.89 13.68
C ARG A 176 5.01 -8.06 15.19
N PRO A 177 5.38 -7.07 16.00
CA PRO A 177 5.14 -7.20 17.45
C PRO A 177 3.64 -7.21 17.74
N GLY A 178 3.26 -7.99 18.77
CA GLY A 178 1.88 -8.06 19.21
C GLY A 178 1.13 -9.30 18.76
N LEU A 179 1.74 -10.16 17.93
CA LEU A 179 1.02 -11.33 17.46
C LEU A 179 0.88 -12.35 18.58
N GLN A 180 -0.33 -12.90 18.74
CA GLN A 180 -0.58 -13.87 19.80
C GLN A 180 -0.30 -15.30 19.38
N GLU A 181 -0.53 -15.63 18.11
CA GLU A 181 -0.24 -16.95 17.57
C GLU A 181 0.90 -16.84 16.57
N LYS A 182 2.09 -16.56 17.10
CA LYS A 182 3.23 -16.29 16.24
C LYS A 182 3.54 -17.47 15.33
N ARG A 183 3.37 -18.70 15.83
CA ARG A 183 3.68 -19.81 14.94
C ARG A 183 2.75 -19.94 13.77
N LYS A 184 1.46 -19.74 13.99
CA LYS A 184 0.50 -19.87 12.90
C LYS A 184 0.84 -18.87 11.79
N VAL A 185 1.23 -17.66 12.17
CA VAL A 185 1.61 -16.68 11.15
C VAL A 185 2.92 -17.10 10.47
N GLU A 186 3.87 -17.66 11.23
CA GLU A 186 5.11 -18.12 10.60
C GLU A 186 4.84 -19.17 9.54
N GLN A 187 3.88 -20.07 9.78
CA GLN A 187 3.55 -21.13 8.83
C GLN A 187 2.91 -20.59 7.57
N LEU A 188 1.98 -19.64 7.72
CA LEU A 188 1.40 -18.97 6.56
C LEU A 188 2.45 -18.23 5.75
N GLN A 189 3.32 -17.48 6.43
CA GLN A 189 4.36 -16.73 5.73
C GLN A 189 5.27 -17.66 4.94
N TYR A 190 5.64 -18.80 5.54
CA TYR A 190 6.52 -19.74 4.85
C TYR A 190 5.85 -20.33 3.61
N ASN A 191 4.57 -20.68 3.72
CA ASN A 191 3.84 -21.18 2.55
C ASN A 191 3.76 -20.13 1.46
N LEU A 192 3.47 -18.88 1.83
CA LEU A 192 3.44 -17.81 0.85
C LEU A 192 4.83 -17.54 0.30
N GLU A 193 5.87 -17.68 1.13
CA GLU A 193 7.22 -17.57 0.59
C GLU A 193 7.52 -18.67 -0.42
N LEU A 194 7.05 -19.89 -0.18
CA LEU A 194 7.31 -20.93 -1.18
C LEU A 194 6.61 -20.59 -2.48
N ALA A 195 5.37 -20.15 -2.38
CA ALA A 195 4.59 -19.86 -3.56
C ALA A 195 5.25 -18.77 -4.38
N PHE A 196 5.72 -17.73 -3.70
CA PHE A 196 6.38 -16.63 -4.38
C PHE A 196 7.64 -17.13 -5.08
N HIS A 197 8.50 -17.82 -4.35
CA HIS A 197 9.77 -18.30 -4.91
C HIS A 197 9.54 -19.37 -5.96
N HIS A 198 8.58 -20.28 -5.74
CA HIS A 198 8.22 -21.22 -6.82
C HIS A 198 7.84 -20.50 -8.10
N HIS A 199 7.00 -19.48 -8.00
CA HIS A 199 6.55 -18.78 -9.19
C HIS A 199 7.70 -18.07 -9.88
N LEU A 200 8.62 -17.48 -9.11
CA LEU A 200 9.77 -16.83 -9.71
C LEU A 200 10.67 -17.85 -10.38
N CYS A 201 10.89 -18.98 -9.72
CA CYS A 201 11.72 -20.02 -10.31
C CYS A 201 11.11 -20.49 -11.64
N LYS A 202 9.79 -20.72 -11.67
CA LYS A 202 9.12 -21.27 -12.85
C LYS A 202 9.13 -20.28 -14.01
N THR A 203 9.12 -18.98 -13.74
CA THR A 203 9.13 -17.96 -14.78
C THR A 203 10.52 -17.36 -15.01
N HIS A 204 11.55 -17.97 -14.43
CA HIS A 204 12.94 -17.50 -14.56
C HIS A 204 13.07 -16.03 -14.18
N ARG A 205 12.51 -15.69 -13.02
CA ARG A 205 12.55 -14.33 -12.52
C ARG A 205 13.24 -14.24 -11.16
N GLN A 206 14.02 -15.25 -10.77
CA GLN A 206 14.62 -15.23 -9.44
C GLN A 206 15.61 -14.08 -9.28
N SER A 207 16.03 -13.46 -10.37
CA SER A 207 16.99 -12.36 -10.22
C SER A 207 16.38 -11.13 -9.54
N ILE A 208 15.06 -11.01 -9.43
CA ILE A 208 14.52 -9.85 -8.74
C ILE A 208 14.61 -9.93 -7.22
N LEU A 209 14.87 -11.12 -6.67
CA LEU A 209 14.87 -11.27 -5.22
C LEU A 209 15.90 -10.38 -4.55
N ALA A 210 17.11 -10.32 -5.10
CA ALA A 210 18.16 -9.49 -4.53
C ALA A 210 17.92 -8.00 -4.73
N LYS A 211 16.98 -7.63 -5.61
CA LYS A 211 16.71 -6.23 -5.93
C LYS A 211 15.45 -5.70 -5.25
N LEU A 212 14.73 -6.53 -4.51
CA LEU A 212 13.58 -6.04 -3.78
C LEU A 212 14.06 -5.11 -2.65
N PRO A 213 13.26 -4.12 -2.26
CA PRO A 213 13.72 -3.21 -1.21
C PRO A 213 13.86 -3.95 0.10
N PRO A 214 14.82 -3.56 0.94
CA PRO A 214 14.86 -4.08 2.31
C PRO A 214 13.63 -3.64 3.07
N LYS A 215 13.23 -4.42 4.09
CA LYS A 215 12.02 -4.09 4.84
C LYS A 215 12.13 -2.74 5.53
N GLY A 216 13.33 -2.36 5.95
CA GLY A 216 13.50 -1.07 6.58
C GLY A 216 13.02 0.08 5.73
N LYS A 217 13.02 -0.11 4.42
CA LYS A 217 12.65 0.99 3.53
C LYS A 217 11.15 1.23 3.55
N LEU A 218 10.36 0.16 3.44
CA LEU A 218 8.92 0.34 3.54
C LEU A 218 8.56 0.88 4.91
N ARG A 219 9.24 0.42 5.96
CA ARG A 219 8.91 0.90 7.29
C ARG A 219 9.30 2.36 7.48
N SER A 220 10.41 2.78 6.88
CA SER A 220 10.80 4.19 6.94
C SER A 220 9.74 5.09 6.29
N LEU A 221 9.23 4.69 5.11
CA LEU A 221 8.18 5.49 4.48
C LEU A 221 6.95 5.61 5.36
N CYS A 222 6.48 4.51 5.97
CA CYS A 222 5.27 4.61 6.79
C CYS A 222 5.49 5.41 8.06
N SER A 223 6.65 5.28 8.69
CA SER A 223 6.86 6.11 9.88
C SER A 223 6.96 7.59 9.50
N GLN A 224 7.59 7.92 8.37
CA GLN A 224 7.62 9.31 7.92
C GLN A 224 6.21 9.80 7.62
N HIS A 225 5.39 8.96 7.00
CA HIS A 225 4.00 9.34 6.77
C HIS A 225 3.32 9.72 8.07
N VAL A 226 3.41 8.86 9.10
CA VAL A 226 2.83 9.18 10.40
C VAL A 226 3.42 10.45 11.00
N GLU A 227 4.74 10.64 10.92
CA GLU A 227 5.36 11.84 11.47
C GLU A 227 4.83 13.11 10.81
N ARG A 228 4.72 13.13 9.47
CA ARG A 228 4.32 14.35 8.77
C ARG A 228 2.86 14.64 9.05
N MET A 229 2.11 13.57 9.06
CA MET A 229 0.76 13.62 9.52
C MET A 229 0.53 14.29 10.90
N GLN A 230 1.33 13.79 11.89
CA GLN A 230 1.25 14.33 13.23
C GLN A 230 1.65 15.78 13.27
N ILE A 231 2.65 16.19 12.48
CA ILE A 231 2.98 17.61 12.37
C ILE A 231 1.80 18.39 11.80
N PHE A 232 1.21 17.90 10.70
CA PHE A 232 0.08 18.61 10.13
C PHE A 232 -1.09 18.70 11.12
N GLN A 233 -1.37 17.60 11.82
CA GLN A 233 -2.46 17.59 12.78
C GLN A 233 -2.24 18.62 13.89
N HIS A 234 -0.98 18.77 14.34
CA HIS A 234 -0.70 19.74 15.40
C HIS A 234 -1.04 21.17 14.94
N LEU A 235 -0.92 21.43 13.65
CA LEU A 235 -1.24 22.74 13.07
C LEU A 235 -2.72 22.91 12.72
N HIS A 236 -3.44 21.83 12.43
CA HIS A 236 -4.84 21.91 12.01
C HIS A 236 -5.64 20.80 12.68
N PRO A 237 -5.75 20.82 14.01
CA PRO A 237 -6.34 19.66 14.70
C PRO A 237 -7.81 19.46 14.35
N ILE A 238 -8.56 20.55 14.20
CA ILE A 238 -9.98 20.37 13.92
C ILE A 238 -10.20 19.82 12.52
N VAL A 239 -9.31 20.14 11.57
CA VAL A 239 -9.41 19.56 10.23
C VAL A 239 -9.38 18.05 10.29
N VAL A 240 -8.42 17.49 11.02
CA VAL A 240 -8.31 16.04 11.13
C VAL A 240 -9.55 15.48 11.80
N GLN A 241 -10.04 16.16 12.85
CA GLN A 241 -11.17 15.65 13.59
C GLN A 241 -12.46 15.68 12.77
N ALA A 242 -12.65 16.74 11.97
CA ALA A 242 -13.92 16.99 11.29
C ALA A 242 -13.98 16.47 9.85
N ALA A 243 -12.83 16.34 9.16
CA ALA A 243 -12.84 16.07 7.72
C ALA A 243 -11.93 14.95 7.26
N PHE A 244 -11.25 14.25 8.17
CA PHE A 244 -10.49 13.08 7.75
C PHE A 244 -11.32 11.82 7.95
N PRO A 245 -11.17 10.82 7.09
CA PRO A 245 -11.97 9.61 7.21
C PRO A 245 -11.69 8.92 8.53
N PRO A 246 -12.73 8.36 9.17
CA PRO A 246 -12.52 7.71 10.48
C PRO A 246 -11.45 6.62 10.46
N LEU A 247 -11.39 5.80 9.41
CA LEU A 247 -10.41 4.71 9.36
C LEU A 247 -8.99 5.28 9.39
N TYR A 248 -8.73 6.31 8.58
CA TYR A 248 -7.42 6.95 8.56
C TYR A 248 -7.08 7.58 9.91
N LYS A 249 -8.05 8.30 10.48
CA LYS A 249 -7.84 8.97 11.78
C LYS A 249 -7.43 7.97 12.84
N GLU A 250 -8.15 6.85 12.93
CA GLU A 250 -7.88 5.88 13.97
C GLU A 250 -6.57 5.15 13.76
N LEU A 251 -6.21 4.84 12.50
CA LEU A 251 -4.93 4.17 12.25
C LEU A 251 -3.73 5.04 12.58
N PHE A 252 -3.76 6.32 12.23
CA PHE A 252 -2.53 7.07 12.13
C PHE A 252 -2.43 8.32 12.98
N SER A 253 -3.54 8.90 13.44
CA SER A 253 -3.46 10.22 14.05
C SER A 253 -3.14 10.18 15.53
N THR A 254 -2.49 11.24 16.01
CA THR A 254 -2.37 11.47 17.45
C THR A 254 -3.71 11.56 18.15
N GLY A 255 -3.81 10.81 19.24
CA GLY A 255 -5.04 10.59 19.97
C GLY A 255 -5.95 9.59 19.32
N GLY A 256 -5.53 8.96 18.23
CA GLY A 256 -6.36 7.96 17.58
C GLY A 256 -6.56 6.74 18.47
N SER A 257 -7.74 6.14 18.33
CA SER A 257 -8.08 4.94 19.09
C SER A 257 -7.21 3.75 18.68
N GLY A 258 -6.73 3.73 17.44
CA GLY A 258 -5.93 2.63 16.95
C GLY A 258 -6.55 1.82 15.84
N ASP A 259 -7.86 1.96 15.58
CA ASP A 259 -8.63 1.43 14.44
C ASP A 259 -9.25 0.06 14.75
N HIS A 260 -8.88 -0.59 15.86
CA HIS A 260 -9.27 -1.98 16.10
C HIS A 260 -10.74 -2.27 15.79
N LYS A 261 -11.59 -1.25 15.71
CA LYS A 261 -13.04 -1.33 15.77
C LYS A 261 -13.67 -1.14 14.41
N ILE A 262 -13.18 -0.14 13.67
CA ILE A 262 -13.54 0.00 12.26
C ILE A 262 -13.01 -1.20 11.48
N ILE A 263 -11.73 -1.54 11.64
CA ILE A 263 -11.26 -2.71 10.90
C ILE A 263 -11.86 -4.00 11.44
N HIS A 264 -12.10 -4.12 12.75
CA HIS A 264 -12.81 -5.33 13.20
C HIS A 264 -14.18 -5.43 12.56
N ARG A 265 -14.78 -4.30 12.17
CA ARG A 265 -16.14 -4.38 11.70
C ARG A 265 -16.15 -4.53 10.18
N LEU A 266 -15.11 -4.01 9.51
CA LEU A 266 -14.82 -4.38 8.13
C LEU A 266 -14.48 -5.85 8.00
N LEU A 267 -13.76 -6.41 8.98
CA LEU A 267 -13.34 -7.80 8.88
C LEU A 267 -14.54 -8.76 8.98
N GLN A 268 -15.62 -8.34 9.64
CA GLN A 268 -16.77 -9.22 9.83
C GLN A 268 -17.76 -9.14 8.68
N GLU A 269 -18.09 -7.93 8.24
CA GLU A 269 -19.13 -7.66 7.24
C GLU A 269 -19.24 -8.69 6.11
#